data_6WV8
#
_entry.id   6WV8
#
_cell.length_a   55.167
_cell.length_b   61.490
_cell.length_c   167.211
_cell.angle_alpha   90.000
_cell.angle_beta   90.000
_cell.angle_gamma   90.000
#
_symmetry.space_group_name_H-M   'P 21 21 21'
#
loop_
_entity.id
_entity.type
_entity.pdbx_description
1 polymer 'Vitamin K epoxide reductase-like protein, termini restrained by green fluorescent protein'
2 non-polymer PHYLLOQUINONE
3 water water
#
_entity_poly.entity_id   1
_entity_poly.type   'polypeptide(L)'
_entity_poly.pdbx_seq_one_letter_code
;MSKGEELFTGVVPILVELDGDVNGHKFSVRGEGEGDATNGKLTLKFICTTGKLPVPWPTLVTTL(CRO)VQCFSRYPDHM
KRHDFFKSAMPEGYVQERTISFKDDGTYKTRAEVKFEGDTLVNRIELKGIDFKEDGNILGHKLEYNLRVSTPRWERIARV
LVCLLGILLSLYAFHVEREHARDPSYKALCDVSSSISCSKVFGSRWGRGFGLLGSIFGNDSALNQPNSVYGIVFYAFQLL
LGMTVSAMAALILMTTSIMSVVGSLYLGYILYFVLKDLSVICVTTYALNFILFVLNYKRLVYLNEAWKQKLQAKQDNSHN
VYITADKQKNGIKANFKIRHNVEDGSVQLADHYQQNTPIGDGPVLLPDNHYLSTQSVLSKDPNEKRDHMVLLEFVTAAGI
THGMDELYKSNSLEVLFQ
;
_entity_poly.pdbx_strand_id   A
#
# COMPACT_ATOMS: atom_id res chain seq x y z
N MET A 1 24.29 -8.76 -18.99
CA MET A 1 25.15 -9.55 -19.92
C MET A 1 24.71 -9.40 -21.36
N SER A 2 24.16 -8.24 -21.68
CA SER A 2 23.72 -7.91 -23.02
C SER A 2 24.56 -6.74 -23.56
N LYS A 3 24.35 -6.43 -24.83
CA LYS A 3 24.87 -5.19 -25.40
C LYS A 3 23.87 -4.05 -25.28
N GLY A 4 22.60 -4.36 -24.98
CA GLY A 4 21.61 -3.32 -24.76
C GLY A 4 21.61 -2.78 -23.35
N GLU A 5 22.10 -3.55 -22.37
CA GLU A 5 22.21 -3.03 -21.01
C GLU A 5 23.09 -1.79 -20.96
N GLU A 6 24.07 -1.69 -21.85
CA GLU A 6 24.94 -0.51 -21.89
C GLU A 6 24.16 0.75 -22.25
N LEU A 7 23.02 0.61 -22.91
CA LEU A 7 22.15 1.75 -23.21
C LEU A 7 21.35 2.20 -22.00
N PHE A 8 21.44 1.51 -20.87
CA PHE A 8 20.66 1.83 -19.68
C PHE A 8 21.53 2.20 -18.49
N THR A 9 22.82 2.46 -18.70
CA THR A 9 23.69 2.84 -17.60
C THR A 9 23.41 4.25 -17.07
N GLY A 10 22.49 4.99 -17.69
CA GLY A 10 22.16 6.32 -17.23
C GLY A 10 20.68 6.62 -17.29
N VAL A 11 20.32 7.89 -17.29
CA VAL A 11 18.93 8.31 -17.37
C VAL A 11 18.51 8.33 -18.84
N VAL A 12 17.38 7.70 -19.14
CA VAL A 12 16.89 7.55 -20.51
C VAL A 12 15.53 8.23 -20.61
N PRO A 13 15.28 9.06 -21.63
CA PRO A 13 13.93 9.61 -21.80
C PRO A 13 12.98 8.55 -22.34
N ILE A 14 11.69 8.71 -22.00
CA ILE A 14 10.68 7.71 -22.31
C ILE A 14 9.46 8.43 -22.91
N LEU A 15 9.04 7.95 -24.08
CA LEU A 15 7.78 8.33 -24.69
C LEU A 15 6.85 7.11 -24.70
N VAL A 16 5.56 7.37 -24.54
CA VAL A 16 4.54 6.31 -24.52
C VAL A 16 3.31 6.83 -25.22
N GLU A 17 2.90 6.16 -26.29
CA GLU A 17 1.70 6.52 -27.03
C GLU A 17 0.77 5.31 -27.02
N LEU A 18 -0.47 5.53 -26.58
CA LEU A 18 -1.48 4.48 -26.49
C LEU A 18 -2.74 4.94 -27.22
N ASP A 19 -3.31 4.04 -28.01
CA ASP A 19 -4.58 4.26 -28.69
C ASP A 19 -5.50 3.10 -28.32
N GLY A 20 -6.53 3.39 -27.52
CA GLY A 20 -7.38 2.35 -26.95
C GLY A 20 -8.84 2.50 -27.37
N ASP A 21 -9.54 1.37 -27.38
CA ASP A 21 -10.94 1.29 -27.74
C ASP A 21 -11.61 0.30 -26.80
N VAL A 22 -12.32 0.80 -25.80
CA VAL A 22 -12.97 -0.03 -24.78
C VAL A 22 -14.47 0.06 -25.01
N ASN A 23 -15.04 -1.02 -25.55
CA ASN A 23 -16.49 -1.13 -25.76
C ASN A 23 -17.03 0.08 -26.52
N GLY A 24 -16.25 0.59 -27.46
CA GLY A 24 -16.68 1.72 -28.26
C GLY A 24 -16.12 3.03 -27.76
N HIS A 25 -16.09 3.21 -26.44
CA HIS A 25 -15.44 4.37 -25.86
C HIS A 25 -13.99 4.39 -26.34
N LYS A 26 -13.66 5.29 -27.27
CA LYS A 26 -12.31 5.38 -27.82
C LYS A 26 -11.54 6.50 -27.16
N PHE A 27 -10.23 6.30 -27.01
CA PHE A 27 -9.39 7.29 -26.37
C PHE A 27 -7.95 7.11 -26.81
N SER A 28 -7.13 8.12 -26.51
CA SER A 28 -5.70 8.06 -26.74
C SER A 28 -4.98 8.71 -25.56
N VAL A 29 -3.91 8.07 -25.12
CA VAL A 29 -3.09 8.57 -24.02
C VAL A 29 -1.67 8.80 -24.54
N ARG A 30 -1.04 9.86 -24.06
CA ARG A 30 0.37 10.11 -24.32
C ARG A 30 1.05 10.43 -23.00
N GLY A 31 2.09 9.68 -22.68
CA GLY A 31 2.82 9.89 -21.46
C GLY A 31 4.31 10.00 -21.71
N GLU A 32 4.92 11.04 -21.16
CA GLU A 32 6.34 11.29 -21.34
C GLU A 32 7.02 11.38 -19.99
N GLY A 33 8.30 11.03 -19.96
CA GLY A 33 9.04 11.06 -18.69
C GLY A 33 10.44 10.52 -18.85
N GLU A 34 10.98 9.99 -17.75
CA GLU A 34 12.33 9.44 -17.79
C GLU A 34 12.43 8.22 -16.90
N GLY A 35 13.48 7.43 -17.15
CA GLY A 35 13.74 6.24 -16.37
C GLY A 35 15.22 6.05 -16.10
N ASP A 36 15.53 5.64 -14.87
CA ASP A 36 16.90 5.36 -14.43
C ASP A 36 16.94 3.89 -14.02
N ALA A 37 17.34 3.03 -14.95
CA ALA A 37 17.40 1.60 -14.65
C ALA A 37 18.45 1.28 -13.60
N THR A 38 19.46 2.13 -13.45
CA THR A 38 20.47 1.90 -12.42
C THR A 38 19.84 1.86 -11.03
N ASN A 39 18.75 2.60 -10.82
CA ASN A 39 17.99 2.54 -9.58
C ASN A 39 16.60 1.96 -9.77
N GLY A 40 16.27 1.48 -10.97
CA GLY A 40 14.93 1.00 -11.22
C GLY A 40 13.87 2.05 -11.08
N LYS A 41 14.23 3.33 -11.19
CA LYS A 41 13.32 4.43 -10.97
C LYS A 41 12.63 4.83 -12.26
N LEU A 42 11.34 5.12 -12.17
CA LEU A 42 10.56 5.61 -13.30
C LEU A 42 9.76 6.82 -12.87
N THR A 43 9.85 7.91 -13.63
CA THR A 43 9.12 9.14 -13.35
C THR A 43 8.41 9.55 -14.64
N LEU A 44 7.10 9.36 -14.71
CA LEU A 44 6.35 9.61 -15.94
C LEU A 44 5.09 10.41 -15.67
N LYS A 45 4.64 11.12 -16.69
CA LYS A 45 3.39 11.87 -16.65
C LYS A 45 2.57 11.52 -17.87
N PHE A 46 1.34 11.06 -17.65
CA PHE A 46 0.45 10.63 -18.72
C PHE A 46 -0.75 11.57 -18.81
N ILE A 47 -1.17 11.89 -20.03
CA ILE A 47 -2.37 12.68 -20.24
C ILE A 47 -3.23 11.99 -21.30
N CYS A 48 -4.55 12.13 -21.15
CA CYS A 48 -5.50 11.62 -22.12
C CYS A 48 -5.72 12.71 -23.17
N THR A 49 -5.12 12.53 -24.33
CA THR A 49 -5.14 13.56 -25.37
C THR A 49 -6.51 13.71 -26.03
N THR A 50 -7.41 12.74 -25.86
CA THR A 50 -8.73 12.77 -26.47
C THR A 50 -9.81 13.23 -25.50
N GLY A 51 -9.46 14.10 -24.56
CA GLY A 51 -10.41 14.60 -23.57
C GLY A 51 -10.43 13.73 -22.32
N LYS A 52 -11.59 13.17 -22.00
CA LYS A 52 -11.76 12.37 -20.80
C LYS A 52 -11.45 10.90 -21.09
N LEU A 53 -10.89 10.23 -20.07
CA LEU A 53 -10.55 8.82 -20.16
C LEU A 53 -11.72 7.96 -19.73
N PRO A 54 -12.16 7.00 -20.56
CA PRO A 54 -13.33 6.19 -20.19
C PRO A 54 -13.05 5.06 -19.22
N VAL A 55 -11.85 4.97 -18.66
CA VAL A 55 -11.50 3.89 -17.74
C VAL A 55 -10.72 4.46 -16.57
N PRO A 56 -10.74 3.77 -15.43
CA PRO A 56 -9.90 4.19 -14.30
C PRO A 56 -8.43 4.06 -14.64
N TRP A 57 -7.66 5.10 -14.30
CA TRP A 57 -6.22 5.09 -14.60
C TRP A 57 -5.50 3.85 -14.08
N PRO A 58 -5.78 3.35 -12.87
CA PRO A 58 -5.03 2.16 -12.39
C PRO A 58 -5.11 0.97 -13.32
N THR A 59 -6.20 0.83 -14.08
CA THR A 59 -6.34 -0.28 -15.01
C THR A 59 -5.43 -0.18 -16.22
N LEU A 60 -4.63 0.89 -16.35
CA LEU A 60 -3.73 1.05 -17.47
C LEU A 60 -2.27 1.11 -17.08
N VAL A 61 -1.95 1.08 -15.78
CA VAL A 61 -0.55 1.16 -15.36
C VAL A 61 0.24 0.00 -15.94
N THR A 62 -0.23 -1.23 -15.70
CA THR A 62 0.48 -2.41 -16.22
C THR A 62 0.68 -2.34 -17.72
N THR A 63 -0.22 -1.67 -18.44
CA THR A 63 -0.12 -1.59 -19.88
C THR A 63 0.78 -0.43 -20.33
N LEU A 64 0.75 0.68 -19.61
CA LEU A 64 1.58 1.83 -19.95
C LEU A 64 3.03 1.62 -19.54
N VAL A 66 7.27 -0.87 -19.69
CA VAL A 66 8.69 -0.69 -19.96
C VAL A 66 9.51 -1.42 -18.90
N GLN A 67 9.30 -2.73 -18.80
CA GLN A 67 10.03 -3.55 -17.85
C GLN A 67 11.52 -3.65 -18.16
N CYS A 68 11.97 -3.05 -19.26
CA CYS A 68 13.40 -2.97 -19.54
C CYS A 68 14.12 -1.97 -18.65
N PHE A 69 13.40 -1.25 -17.78
CA PHE A 69 14.01 -0.34 -16.83
C PHE A 69 14.15 -0.94 -15.44
N SER A 70 13.92 -2.25 -15.30
CA SER A 70 14.04 -2.89 -14.00
C SER A 70 15.51 -2.98 -13.61
N ARG A 71 15.81 -2.61 -12.36
CA ARG A 71 17.16 -2.74 -11.85
C ARG A 71 17.44 -4.22 -11.54
N TYR A 72 18.39 -4.79 -12.26
CA TYR A 72 18.74 -6.17 -11.98
C TYR A 72 19.92 -6.23 -11.01
N PRO A 73 19.86 -7.09 -10.00
CA PRO A 73 21.06 -7.32 -9.17
C PRO A 73 22.24 -7.74 -10.03
N ASP A 74 23.42 -7.72 -9.40
CA ASP A 74 24.65 -7.96 -10.14
C ASP A 74 24.66 -9.35 -10.78
N HIS A 75 24.32 -10.37 -10.00
CA HIS A 75 24.41 -11.74 -10.48
C HIS A 75 23.27 -12.12 -11.43
N MET A 76 22.19 -11.34 -11.45
CA MET A 76 21.02 -11.65 -12.26
C MET A 76 21.01 -10.96 -13.62
N LYS A 77 22.03 -10.16 -13.93
CA LYS A 77 22.09 -9.51 -15.24
C LYS A 77 21.90 -10.53 -16.36
N ARG A 78 22.36 -11.76 -16.15
CA ARG A 78 22.29 -12.80 -17.17
C ARG A 78 20.85 -13.15 -17.55
N HIS A 79 19.88 -12.82 -16.69
CA HIS A 79 18.48 -13.16 -16.92
C HIS A 79 17.64 -11.96 -17.32
N ASP A 80 18.28 -10.87 -17.76
CA ASP A 80 17.58 -9.63 -18.09
C ASP A 80 17.26 -9.65 -19.59
N PHE A 81 16.18 -10.34 -19.93
CA PHE A 81 15.78 -10.46 -21.34
C PHE A 81 15.46 -9.11 -21.94
N PHE A 82 14.85 -8.21 -21.15
CA PHE A 82 14.34 -6.97 -21.69
C PHE A 82 15.45 -6.12 -22.29
N LYS A 83 16.57 -5.98 -21.56
CA LYS A 83 17.67 -5.17 -22.07
C LYS A 83 18.27 -5.79 -23.34
N SER A 84 18.36 -7.11 -23.38
CA SER A 84 19.05 -7.77 -24.49
C SER A 84 18.36 -7.52 -25.82
N ALA A 85 17.04 -7.37 -25.82
CA ALA A 85 16.31 -7.15 -27.06
C ALA A 85 16.48 -5.74 -27.62
N MET A 86 17.36 -4.92 -27.04
CA MET A 86 17.59 -3.56 -27.47
C MET A 86 18.88 -3.45 -28.27
N PRO A 87 19.00 -2.43 -29.16
CA PRO A 87 18.02 -1.37 -29.41
C PRO A 87 16.88 -1.77 -30.33
N GLU A 88 17.03 -2.90 -31.03
CA GLU A 88 16.02 -3.32 -31.99
C GLU A 88 14.64 -3.43 -31.35
N GLY A 89 14.58 -3.69 -30.05
CA GLY A 89 13.32 -3.68 -29.34
C GLY A 89 12.67 -5.05 -29.23
N TYR A 90 11.44 -5.03 -28.72
CA TYR A 90 10.67 -6.26 -28.56
C TYR A 90 9.18 -5.93 -28.56
N VAL A 91 8.39 -6.93 -28.95
CA VAL A 91 6.93 -6.86 -28.90
C VAL A 91 6.48 -7.49 -27.59
N GLN A 92 5.60 -6.79 -26.89
CA GLN A 92 4.99 -7.26 -25.65
C GLN A 92 3.49 -7.34 -25.86
N GLU A 93 2.94 -8.56 -25.78
CA GLU A 93 1.51 -8.79 -25.91
C GLU A 93 0.95 -9.19 -24.55
N ARG A 94 -0.27 -8.76 -24.26
CA ARG A 94 -0.86 -8.99 -22.95
C ARG A 94 -2.37 -9.12 -23.06
N THR A 95 -2.92 -10.05 -22.28
CA THR A 95 -4.36 -10.19 -22.08
C THR A 95 -4.65 -9.96 -20.61
N ILE A 96 -5.67 -9.17 -20.31
CA ILE A 96 -6.02 -8.84 -18.93
C ILE A 96 -7.50 -9.16 -18.77
N SER A 97 -7.80 -10.14 -17.93
CA SER A 97 -9.17 -10.58 -17.70
C SER A 97 -9.63 -10.07 -16.34
N PHE A 98 -10.67 -9.24 -16.35
CA PHE A 98 -11.26 -8.73 -15.12
C PHE A 98 -12.38 -9.66 -14.67
N LYS A 99 -12.38 -10.02 -13.39
CA LYS A 99 -13.40 -10.92 -12.87
C LYS A 99 -14.78 -10.31 -13.01
N ASP A 100 -15.68 -11.05 -13.66
CA ASP A 100 -17.07 -10.61 -13.81
C ASP A 100 -17.14 -9.30 -14.59
N ASP A 101 -16.25 -9.14 -15.57
CA ASP A 101 -16.20 -7.93 -16.37
C ASP A 101 -15.53 -8.26 -17.70
N GLY A 102 -15.15 -7.23 -18.44
CA GLY A 102 -14.59 -7.40 -19.76
C GLY A 102 -13.14 -7.87 -19.74
N THR A 103 -12.48 -7.69 -20.89
CA THR A 103 -11.12 -8.15 -21.08
C THR A 103 -10.38 -7.18 -21.98
N TYR A 104 -9.17 -6.81 -21.56
CA TYR A 104 -8.25 -6.04 -22.38
C TYR A 104 -7.36 -6.96 -23.20
N LYS A 105 -7.10 -6.56 -24.44
CA LYS A 105 -6.07 -7.16 -25.28
C LYS A 105 -5.15 -6.04 -25.75
N THR A 106 -3.87 -6.17 -25.45
CA THR A 106 -2.89 -5.12 -25.72
C THR A 106 -1.74 -5.70 -26.52
N ARG A 107 -1.33 -4.98 -27.57
CA ARG A 107 -0.12 -5.29 -28.32
C ARG A 107 0.74 -4.04 -28.34
N ALA A 108 1.94 -4.12 -27.79
CA ALA A 108 2.83 -2.97 -27.70
C ALA A 108 4.18 -3.30 -28.32
N GLU A 109 4.76 -2.32 -28.99
CA GLU A 109 6.12 -2.41 -29.51
C GLU A 109 6.99 -1.45 -28.69
N VAL A 110 8.01 -1.99 -28.04
CA VAL A 110 8.90 -1.21 -27.18
C VAL A 110 10.28 -1.27 -27.79
N LYS A 111 10.77 -0.12 -28.27
CA LYS A 111 12.04 -0.09 -28.97
C LYS A 111 12.68 1.29 -28.84
N PHE A 112 13.93 1.39 -29.27
CA PHE A 112 14.66 2.64 -29.22
C PHE A 112 14.45 3.42 -30.51
N GLU A 113 14.03 4.69 -30.36
CA GLU A 113 14.00 5.65 -31.47
C GLU A 113 14.96 6.77 -31.08
N GLY A 114 16.12 6.80 -31.73
CA GLY A 114 17.16 7.73 -31.32
C GLY A 114 17.53 7.52 -29.87
N ASP A 115 17.60 8.61 -29.11
CA ASP A 115 17.92 8.54 -27.70
C ASP A 115 16.74 8.08 -26.84
N THR A 116 15.55 7.97 -27.42
CA THR A 116 14.34 7.80 -26.64
C THR A 116 13.89 6.33 -26.63
N LEU A 117 13.45 5.88 -25.45
CA LEU A 117 12.82 4.55 -25.32
C LEU A 117 11.32 4.73 -25.54
N VAL A 118 10.81 4.19 -26.64
CA VAL A 118 9.44 4.39 -27.07
C VAL A 118 8.64 3.12 -26.83
N ASN A 119 7.37 3.29 -26.47
CA ASN A 119 6.44 2.20 -26.22
C ASN A 119 5.13 2.56 -26.91
N ARG A 120 4.88 1.99 -28.09
CA ARG A 120 3.68 2.26 -28.86
C ARG A 120 2.70 1.11 -28.65
N ILE A 121 1.54 1.43 -28.08
CA ILE A 121 0.59 0.43 -27.59
C ILE A 121 -0.70 0.53 -28.38
N GLU A 122 -1.35 -0.62 -28.59
CA GLU A 122 -2.69 -0.69 -29.15
C GLU A 122 -3.52 -1.58 -28.23
N LEU A 123 -4.67 -1.05 -27.78
CA LEU A 123 -5.49 -1.69 -26.78
C LEU A 123 -6.92 -1.80 -27.27
N LYS A 124 -7.54 -2.96 -27.03
CA LYS A 124 -8.97 -3.13 -27.29
C LYS A 124 -9.57 -3.92 -26.13
N GLY A 125 -10.61 -3.37 -25.50
CA GLY A 125 -11.29 -4.01 -24.42
C GLY A 125 -12.73 -4.30 -24.78
N ILE A 126 -13.19 -5.51 -24.48
CA ILE A 126 -14.55 -5.93 -24.84
C ILE A 126 -15.24 -6.52 -23.62
N ASP A 127 -16.56 -6.72 -23.76
CA ASP A 127 -17.37 -7.47 -22.80
C ASP A 127 -17.40 -6.80 -21.43
N PHE A 128 -17.26 -5.48 -21.38
CA PHE A 128 -17.33 -4.75 -20.12
C PHE A 128 -18.77 -4.34 -19.82
N LYS A 129 -19.12 -4.34 -18.53
CA LYS A 129 -20.43 -3.89 -18.10
C LYS A 129 -20.51 -2.36 -18.16
N GLU A 130 -21.73 -1.86 -18.27
CA GLU A 130 -21.93 -0.41 -18.36
C GLU A 130 -21.94 0.23 -16.98
N ASP A 131 -22.59 -0.40 -16.01
CA ASP A 131 -22.53 0.02 -14.62
C ASP A 131 -21.45 -0.71 -13.84
N GLY A 132 -20.53 -1.41 -14.52
CA GLY A 132 -19.48 -2.16 -13.87
C GLY A 132 -18.52 -1.23 -13.12
N ASN A 133 -17.42 -1.82 -12.63
CA ASN A 133 -16.45 -1.05 -11.87
C ASN A 133 -15.54 -0.22 -12.78
N ILE A 134 -15.24 -0.71 -13.98
CA ILE A 134 -14.33 -0.02 -14.88
C ILE A 134 -15.05 1.13 -15.55
N LEU A 135 -15.97 0.83 -16.47
CA LEU A 135 -16.70 1.89 -17.16
C LEU A 135 -17.57 2.71 -16.22
N GLY A 136 -17.70 2.31 -14.96
CA GLY A 136 -18.36 3.10 -13.95
C GLY A 136 -17.43 3.94 -13.10
N HIS A 137 -16.12 3.83 -13.31
CA HIS A 137 -15.14 4.58 -12.55
C HIS A 137 -15.36 4.43 -11.05
N LYS A 138 -15.40 3.17 -10.60
CA LYS A 138 -15.63 2.84 -9.21
C LYS A 138 -14.38 2.28 -8.53
N LEU A 139 -13.20 2.61 -9.05
CA LEU A 139 -11.93 2.14 -8.53
C LEU A 139 -11.20 3.28 -7.83
N GLU A 140 -10.51 2.96 -6.74
CA GLU A 140 -9.67 3.94 -6.07
C GLU A 140 -8.49 4.31 -6.96
N TYR A 141 -7.79 5.38 -6.56
CA TYR A 141 -6.71 5.95 -7.35
C TYR A 141 -5.38 5.56 -6.70
N ASN A 142 -4.96 4.32 -6.94
CA ASN A 142 -3.69 3.81 -6.43
C ASN A 142 -3.56 2.35 -6.83
N LEU A 143 -2.34 1.83 -6.71
CA LEU A 143 -2.07 0.40 -6.83
C LEU A 143 -1.47 -0.09 -5.51
N ARG A 144 -2.32 -0.22 -4.49
CA ARG A 144 -1.89 -0.62 -3.17
C ARG A 144 -2.57 -1.93 -2.78
N VAL A 145 -1.82 -2.78 -2.06
CA VAL A 145 -2.32 -4.05 -1.58
C VAL A 145 -2.93 -3.84 -0.20
N SER A 146 -4.01 -3.09 -0.14
CA SER A 146 -4.51 -2.53 1.10
C SER A 146 -5.91 -3.05 1.44
N THR A 147 -6.31 -2.77 2.69
CA THR A 147 -7.67 -2.98 3.15
C THR A 147 -8.54 -1.78 2.75
N PRO A 148 -9.85 -1.96 2.62
CA PRO A 148 -10.67 -0.92 1.98
C PRO A 148 -10.78 0.37 2.79
N ARG A 149 -11.63 1.29 2.32
CA ARG A 149 -11.72 2.60 2.97
C ARG A 149 -12.35 2.49 4.35
N TRP A 150 -13.33 1.60 4.52
CA TRP A 150 -13.73 1.23 5.87
C TRP A 150 -12.57 0.49 6.53
N GLU A 151 -12.53 0.57 7.85
CA GLU A 151 -11.43 -0.01 8.63
C GLU A 151 -10.23 0.94 8.61
N ARG A 152 -9.90 1.53 7.47
CA ARG A 152 -8.87 2.58 7.46
C ARG A 152 -9.43 3.87 8.06
N ILE A 153 -10.49 4.40 7.43
CA ILE A 153 -11.22 5.54 8.02
C ILE A 153 -11.61 5.22 9.45
N ALA A 154 -12.03 3.97 9.70
CA ALA A 154 -12.48 3.61 11.04
C ALA A 154 -11.32 3.57 12.03
N ARG A 155 -10.15 3.09 11.59
CA ARG A 155 -8.97 3.06 12.44
C ARG A 155 -8.57 4.47 12.82
N VAL A 156 -8.43 5.34 11.83
CA VAL A 156 -8.03 6.71 12.12
C VAL A 156 -9.08 7.39 13.01
N LEU A 157 -10.37 7.10 12.75
CA LEU A 157 -11.44 7.71 13.54
C LEU A 157 -11.36 7.28 15.00
N VAL A 158 -11.32 5.97 15.24
CA VAL A 158 -11.26 5.44 16.60
C VAL A 158 -10.01 5.94 17.31
N CYS A 159 -8.88 5.98 16.60
CA CYS A 159 -7.65 6.44 17.21
C CYS A 159 -7.75 7.91 17.62
N LEU A 160 -8.30 8.75 16.75
CA LEU A 160 -8.43 10.17 17.08
C LEU A 160 -9.39 10.38 18.24
N LEU A 161 -10.50 9.64 18.26
CA LEU A 161 -11.44 9.75 19.37
C LEU A 161 -10.77 9.38 20.68
N GLY A 162 -10.06 8.25 20.70
CA GLY A 162 -9.34 7.86 21.89
C GLY A 162 -8.31 8.89 22.30
N ILE A 163 -7.63 9.50 21.32
CA ILE A 163 -6.62 10.52 21.64
C ILE A 163 -7.28 11.71 22.32
N LEU A 164 -8.40 12.17 21.79
CA LEU A 164 -9.07 13.32 22.39
C LEU A 164 -9.58 12.99 23.78
N LEU A 165 -10.14 11.80 23.96
CA LEU A 165 -10.58 11.39 25.30
C LEU A 165 -9.41 11.34 26.26
N SER A 166 -8.24 10.91 25.77
CA SER A 166 -7.05 10.85 26.62
C SER A 166 -6.59 12.25 27.00
N LEU A 167 -6.65 13.19 26.07
CA LEU A 167 -6.32 14.58 26.39
C LEU A 167 -7.26 15.12 27.46
N TYR A 168 -8.56 14.88 27.30
CA TYR A 168 -9.52 15.39 28.28
C TYR A 168 -9.27 14.76 29.65
N ALA A 169 -9.02 13.46 29.70
CA ALA A 169 -8.71 12.81 30.97
C ALA A 169 -7.44 13.40 31.57
N PHE A 170 -6.43 13.65 30.74
CA PHE A 170 -5.19 14.26 31.21
C PHE A 170 -5.47 15.59 31.90
N HIS A 171 -6.30 16.43 31.27
CA HIS A 171 -6.60 17.73 31.86
C HIS A 171 -7.41 17.58 33.14
N VAL A 172 -8.40 16.68 33.14
CA VAL A 172 -9.20 16.47 34.34
C VAL A 172 -8.31 16.07 35.51
N GLU A 173 -7.34 15.19 35.26
CA GLU A 173 -6.42 14.80 36.33
C GLU A 173 -5.53 15.96 36.74
N ARG A 174 -5.02 16.72 35.76
CA ARG A 174 -4.15 17.84 36.08
C ARG A 174 -4.87 18.91 36.89
N GLU A 175 -6.20 18.95 36.84
CA GLU A 175 -6.94 19.93 37.63
C GLU A 175 -7.50 19.37 38.94
N HIS A 176 -7.84 18.09 39.00
CA HIS A 176 -8.18 17.48 40.28
C HIS A 176 -7.00 17.55 41.24
N ALA A 177 -5.78 17.71 40.72
CA ALA A 177 -4.60 17.86 41.57
C ALA A 177 -4.45 19.29 42.10
N ARG A 178 -5.00 20.28 41.38
CA ARG A 178 -4.98 21.65 41.87
C ARG A 178 -6.14 21.93 42.80
N ASP A 179 -7.34 21.47 42.45
CA ASP A 179 -8.54 21.72 43.25
C ASP A 179 -9.45 20.50 43.16
N PRO A 180 -9.48 19.67 44.20
CA PRO A 180 -10.37 18.50 44.17
C PRO A 180 -11.82 18.85 43.92
N SER A 181 -12.26 20.02 44.39
CA SER A 181 -13.65 20.45 44.23
C SER A 181 -13.79 21.12 42.85
N TYR A 182 -13.95 20.30 41.84
CA TYR A 182 -14.02 20.78 40.46
C TYR A 182 -14.86 19.80 39.64
N LYS A 183 -15.92 20.31 39.02
CA LYS A 183 -16.85 19.49 38.26
C LYS A 183 -16.39 19.42 36.82
N ALA A 184 -16.00 18.22 36.37
CA ALA A 184 -15.80 17.98 34.96
C ALA A 184 -17.13 17.66 34.29
N LEU A 185 -17.15 17.74 32.95
CA LEU A 185 -18.39 17.47 32.23
C LEU A 185 -18.90 16.06 32.46
N CYS A 186 -18.04 15.15 32.92
CA CYS A 186 -18.43 13.76 33.19
C CYS A 186 -18.51 13.47 34.69
N ASP A 187 -18.61 14.50 35.52
CA ASP A 187 -18.83 14.36 36.95
C ASP A 187 -20.27 14.82 37.22
N VAL A 188 -21.22 13.89 37.13
CA VAL A 188 -22.61 14.23 37.36
C VAL A 188 -23.01 14.01 38.82
N SER A 189 -22.35 13.09 39.52
CA SER A 189 -22.65 12.82 40.92
C SER A 189 -21.67 11.80 41.50
N SER A 190 -21.93 11.37 42.73
CA SER A 190 -21.27 10.19 43.26
C SER A 190 -21.75 8.97 42.49
N SER A 191 -20.89 7.96 42.38
CA SER A 191 -21.15 6.76 41.61
C SER A 191 -20.91 7.00 40.12
N ILE A 192 -20.90 8.27 39.70
CA ILE A 192 -20.65 8.64 38.32
C ILE A 192 -19.68 9.82 38.32
N SER A 193 -18.39 9.56 38.35
CA SER A 193 -17.39 10.62 38.47
C SER A 193 -16.16 10.31 37.64
N CYS A 194 -15.72 11.31 36.88
CA CYS A 194 -14.44 11.21 36.18
C CYS A 194 -13.27 11.39 37.14
N SER A 195 -13.34 12.42 37.98
CA SER A 195 -12.23 12.72 38.88
C SER A 195 -11.97 11.57 39.84
N LYS A 196 -13.00 10.83 40.24
CA LYS A 196 -12.80 9.74 41.17
C LYS A 196 -11.86 8.68 40.59
N VAL A 197 -12.01 8.38 39.30
CA VAL A 197 -11.15 7.37 38.69
C VAL A 197 -9.81 7.97 38.28
N PHE A 198 -9.81 9.23 37.80
CA PHE A 198 -8.57 9.85 37.37
C PHE A 198 -7.71 10.26 38.57
N GLY A 199 -8.34 10.66 39.68
CA GLY A 199 -7.61 10.96 40.89
C GLY A 199 -7.25 9.75 41.73
N SER A 200 -7.63 8.56 41.27
CA SER A 200 -7.41 7.34 42.04
C SER A 200 -5.94 6.94 42.01
N ARG A 201 -5.59 6.01 42.90
CA ARG A 201 -4.25 5.44 42.87
C ARG A 201 -4.01 4.67 41.56
N TRP A 202 -5.09 4.18 40.94
CA TRP A 202 -5.00 3.50 39.67
C TRP A 202 -5.01 4.46 38.48
N GLY A 203 -5.00 5.77 38.73
CA GLY A 203 -4.98 6.75 37.68
C GLY A 203 -3.58 7.04 37.16
N ARG A 204 -2.58 6.80 38.01
CA ARG A 204 -1.18 7.02 37.66
C ARG A 204 -0.49 5.67 37.52
N GLY A 205 0.01 5.38 36.33
CA GLY A 205 0.74 4.14 36.10
C GLY A 205 -0.07 2.88 36.27
N PHE A 206 -1.40 2.99 36.28
CA PHE A 206 -2.30 1.86 36.43
C PHE A 206 -2.34 1.33 37.86
N GLY A 207 -1.90 2.12 38.83
CA GLY A 207 -1.79 1.65 40.20
C GLY A 207 -0.51 0.89 40.49
N LEU A 208 0.11 0.31 39.48
CA LEU A 208 1.38 -0.38 39.60
C LEU A 208 2.46 0.40 38.84
N LEU A 209 3.69 -0.05 38.97
CA LEU A 209 4.86 0.59 38.36
C LEU A 209 5.24 1.86 39.11
N GLY A 210 4.28 2.49 39.79
CA GLY A 210 4.60 3.60 40.67
C GLY A 210 5.17 3.18 42.00
N SER A 211 4.93 1.94 42.41
CA SER A 211 5.53 1.36 43.60
C SER A 211 6.80 0.58 43.29
N ILE A 212 7.23 0.55 42.03
CA ILE A 212 8.46 -0.12 41.64
C ILE A 212 9.53 0.85 41.18
N PHE A 213 9.15 2.01 40.60
CA PHE A 213 10.08 3.07 40.31
C PHE A 213 9.97 4.25 41.26
N GLY A 214 8.83 4.41 41.92
CA GLY A 214 8.57 5.56 42.77
C GLY A 214 7.45 6.42 42.21
N ASN A 215 6.74 7.10 43.10
CA ASN A 215 5.65 7.97 42.70
C ASN A 215 6.12 9.28 42.08
N ASP A 216 7.43 9.53 42.07
CA ASP A 216 7.98 10.78 41.55
C ASP A 216 8.68 10.62 40.21
N SER A 217 8.87 9.41 39.72
CA SER A 217 9.60 9.19 38.49
C SER A 217 8.76 9.57 37.28
N ALA A 218 9.45 10.01 36.22
CA ALA A 218 8.76 10.39 34.99
C ALA A 218 8.09 9.20 34.30
N LEU A 219 8.42 7.97 34.70
CA LEU A 219 7.74 6.81 34.13
C LEU A 219 6.35 6.60 34.73
N ASN A 220 6.08 7.17 35.90
CA ASN A 220 4.77 7.05 36.55
C ASN A 220 3.89 8.22 36.08
N GLN A 221 3.57 8.20 34.79
CA GLN A 221 2.69 9.20 34.22
C GLN A 221 1.23 8.79 34.41
N PRO A 222 0.31 9.75 34.32
CA PRO A 222 -1.11 9.38 34.29
C PRO A 222 -1.41 8.46 33.12
N ASN A 223 -2.35 7.54 33.34
CA ASN A 223 -2.66 6.54 32.32
C ASN A 223 -3.04 7.17 30.98
N SER A 224 -3.52 8.41 30.98
CA SER A 224 -3.91 9.07 29.74
C SER A 224 -2.70 9.29 28.83
N VAL A 225 -1.50 9.44 29.39
CA VAL A 225 -0.31 9.57 28.56
C VAL A 225 -0.05 8.28 27.81
N TYR A 226 -0.08 7.15 28.53
CA TYR A 226 0.05 5.85 27.87
C TYR A 226 -1.05 5.67 26.82
N GLY A 227 -2.25 6.19 27.10
CA GLY A 227 -3.31 6.09 26.12
C GLY A 227 -3.01 6.87 24.85
N ILE A 228 -2.57 8.11 25.01
CA ILE A 228 -2.22 8.92 23.84
C ILE A 228 -1.15 8.21 23.03
N VAL A 229 -0.08 7.76 23.71
CA VAL A 229 0.98 7.06 23.01
C VAL A 229 0.44 5.84 22.28
N PHE A 230 -0.46 5.09 22.93
CA PHE A 230 -1.00 3.87 22.34
C PHE A 230 -1.77 4.18 21.06
N TYR A 231 -2.76 5.06 21.15
CA TYR A 231 -3.58 5.36 19.97
C TYR A 231 -2.74 5.99 18.87
N ALA A 232 -1.86 6.94 19.22
CA ALA A 232 -1.06 7.61 18.20
C ALA A 232 -0.10 6.64 17.52
N PHE A 233 0.57 5.79 18.29
CA PHE A 233 1.50 4.83 17.71
C PHE A 233 0.75 3.80 16.87
N GLN A 234 -0.42 3.36 17.33
CA GLN A 234 -1.24 2.47 16.53
C GLN A 234 -1.63 3.12 15.21
N LEU A 235 -1.85 4.43 15.22
CA LEU A 235 -2.14 5.15 13.98
C LEU A 235 -0.93 5.15 13.05
N LEU A 236 0.22 5.64 13.55
CA LEU A 236 1.40 5.77 12.72
C LEU A 236 1.83 4.42 12.15
N LEU A 237 1.72 3.35 12.94
CA LEU A 237 2.05 2.02 12.45
C LEU A 237 0.91 1.40 11.64
N GLY A 238 -0.32 1.90 11.79
CA GLY A 238 -1.41 1.41 10.96
C GLY A 238 -1.31 1.92 9.54
N MET A 239 -0.76 3.12 9.35
CA MET A 239 -0.48 3.57 8.00
C MET A 239 0.39 2.55 7.26
N THR A 240 1.42 2.04 7.91
CA THR A 240 2.26 1.01 7.33
C THR A 240 1.56 -0.34 7.34
N VAL A 241 1.88 -1.16 6.34
CA VAL A 241 1.31 -2.50 6.21
C VAL A 241 2.49 -3.48 6.17
N SER A 242 2.82 -4.05 7.33
CA SER A 242 3.93 -4.98 7.43
C SER A 242 3.61 -6.05 8.45
N ALA A 243 4.36 -7.16 8.39
CA ALA A 243 4.23 -8.20 9.41
C ALA A 243 4.86 -7.75 10.73
N MET A 244 5.93 -6.96 10.65
CA MET A 244 6.44 -6.32 11.86
C MET A 244 5.33 -5.54 12.55
N ALA A 245 4.61 -4.72 11.79
CA ALA A 245 3.44 -4.03 12.33
C ALA A 245 2.47 -5.01 12.95
N ALA A 246 2.27 -6.17 12.33
CA ALA A 246 1.40 -7.18 12.92
C ALA A 246 1.88 -7.53 14.33
N LEU A 247 3.17 -7.85 14.47
CA LEU A 247 3.70 -8.18 15.80
C LEU A 247 3.46 -7.05 16.79
N ILE A 248 3.90 -5.84 16.44
CA ILE A 248 3.83 -4.73 17.39
C ILE A 248 2.38 -4.48 17.80
N LEU A 249 1.52 -4.27 16.81
CA LEU A 249 0.13 -3.97 17.08
C LEU A 249 -0.57 -5.09 17.83
N MET A 250 -0.17 -6.34 17.60
CA MET A 250 -0.83 -7.45 18.28
C MET A 250 -0.44 -7.49 19.75
N THR A 251 0.85 -7.32 20.05
CA THR A 251 1.24 -7.24 21.46
C THR A 251 0.54 -6.09 22.16
N THR A 252 0.57 -4.90 21.54
CA THR A 252 -0.07 -3.74 22.15
C THR A 252 -1.57 -3.95 22.31
N SER A 253 -2.20 -4.66 21.37
CA SER A 253 -3.63 -4.92 21.45
C SER A 253 -3.96 -5.90 22.57
N ILE A 254 -3.19 -6.98 22.69
CA ILE A 254 -3.37 -7.89 23.81
C ILE A 254 -3.29 -7.13 25.12
N MET A 255 -2.22 -6.35 25.30
CA MET A 255 -2.06 -5.60 26.53
C MET A 255 -3.23 -4.65 26.73
N SER A 256 -3.70 -4.01 25.66
CA SER A 256 -4.80 -3.07 25.78
C SER A 256 -6.07 -3.75 26.27
N VAL A 257 -6.39 -4.92 25.70
CA VAL A 257 -7.64 -5.58 26.09
C VAL A 257 -7.56 -6.11 27.51
N VAL A 258 -6.42 -6.73 27.88
CA VAL A 258 -6.32 -7.28 29.23
C VAL A 258 -6.34 -6.16 30.26
N GLY A 259 -5.55 -5.09 30.02
CA GLY A 259 -5.60 -3.95 30.90
C GLY A 259 -6.95 -3.28 30.93
N SER A 260 -7.71 -3.37 29.83
CA SER A 260 -9.05 -2.81 29.80
C SER A 260 -9.98 -3.56 30.73
N LEU A 261 -9.98 -4.90 30.64
CA LEU A 261 -10.78 -5.68 31.57
C LEU A 261 -10.33 -5.46 33.02
N TYR A 262 -9.03 -5.26 33.23
CA TYR A 262 -8.52 -5.03 34.59
C TYR A 262 -9.00 -3.69 35.14
N LEU A 263 -8.78 -2.61 34.39
CA LEU A 263 -9.25 -1.30 34.83
C LEU A 263 -10.76 -1.26 34.98
N GLY A 264 -11.49 -1.99 34.12
CA GLY A 264 -12.93 -2.08 34.29
C GLY A 264 -13.31 -2.81 35.56
N TYR A 265 -12.59 -3.89 35.89
CA TYR A 265 -12.76 -4.53 37.19
C TYR A 265 -12.59 -3.51 38.30
N ILE A 266 -11.60 -2.63 38.18
CA ILE A 266 -11.42 -1.60 39.20
C ILE A 266 -12.65 -0.69 39.26
N LEU A 267 -13.16 -0.30 38.08
CA LEU A 267 -14.32 0.59 38.05
C LEU A 267 -15.52 -0.02 38.78
N TYR A 268 -15.89 -1.24 38.39
CA TYR A 268 -17.13 -1.82 38.90
C TYR A 268 -16.99 -2.25 40.36
N PHE A 269 -15.86 -2.86 40.72
CA PHE A 269 -15.73 -3.49 42.02
C PHE A 269 -15.15 -2.54 43.07
N VAL A 270 -13.85 -2.25 43.01
CA VAL A 270 -13.21 -1.51 44.08
C VAL A 270 -13.72 -0.07 44.12
N LEU A 271 -13.90 0.55 42.96
CA LEU A 271 -14.25 1.96 42.90
C LEU A 271 -15.76 2.21 42.85
N LYS A 272 -16.56 1.20 42.50
CA LYS A 272 -18.01 1.31 42.50
C LYS A 272 -18.47 2.61 41.87
N ASP A 273 -17.99 2.85 40.65
CA ASP A 273 -18.24 4.10 39.95
C ASP A 273 -18.35 3.84 38.46
N LEU A 274 -19.06 4.72 37.77
CA LEU A 274 -19.30 4.62 36.34
C LEU A 274 -18.55 5.74 35.62
N SER A 275 -17.82 5.37 34.57
CA SER A 275 -17.12 6.32 33.71
C SER A 275 -17.41 5.94 32.26
N VAL A 276 -18.32 6.68 31.63
CA VAL A 276 -18.67 6.37 30.24
C VAL A 276 -17.48 6.59 29.33
N ILE A 277 -16.55 7.47 29.72
CA ILE A 277 -15.36 7.70 28.90
C ILE A 277 -14.44 6.48 28.94
N CYS A 278 -14.24 5.90 30.13
CA CYS A 278 -13.40 4.72 30.23
C CYS A 278 -14.04 3.52 29.52
N VAL A 279 -15.36 3.36 29.64
CA VAL A 279 -16.05 2.32 28.88
C VAL A 279 -15.87 2.54 27.38
N THR A 280 -16.01 3.80 26.94
CA THR A 280 -15.75 4.11 25.55
C THR A 280 -14.35 3.68 25.14
N THR A 281 -13.36 3.93 25.98
CA THR A 281 -12.00 3.53 25.67
C THR A 281 -11.89 2.01 25.55
N TYR A 282 -12.62 1.28 26.41
CA TYR A 282 -12.64 -0.18 26.29
C TYR A 282 -13.20 -0.59 24.94
N ALA A 283 -14.25 0.10 24.49
CA ALA A 283 -14.81 -0.19 23.17
C ALA A 283 -13.78 0.09 22.07
N LEU A 284 -13.11 1.24 22.16
CA LEU A 284 -12.06 1.57 21.19
C LEU A 284 -11.02 0.46 21.13
N ASN A 285 -10.57 0.00 22.30
CA ASN A 285 -9.58 -1.08 22.34
C ASN A 285 -10.11 -2.33 21.68
N PHE A 286 -11.37 -2.68 21.96
CA PHE A 286 -11.98 -3.83 21.29
C PHE A 286 -11.91 -3.68 19.78
N ILE A 287 -12.24 -2.49 19.27
CA ILE A 287 -12.16 -2.25 17.84
C ILE A 287 -10.74 -2.48 17.34
N LEU A 288 -9.76 -1.90 18.03
CA LEU A 288 -8.38 -1.99 17.55
C LEU A 288 -7.90 -3.43 17.53
N PHE A 289 -8.34 -4.24 18.50
CA PHE A 289 -8.03 -5.67 18.45
C PHE A 289 -8.69 -6.32 17.23
N VAL A 290 -9.95 -5.97 16.97
CA VAL A 290 -10.63 -6.49 15.78
C VAL A 290 -9.84 -6.14 14.53
N LEU A 291 -9.30 -4.93 14.47
CA LEU A 291 -8.61 -4.48 13.27
C LEU A 291 -7.28 -5.21 13.10
N ASN A 292 -6.51 -5.34 14.18
CA ASN A 292 -5.25 -6.07 14.11
C ASN A 292 -5.49 -7.53 13.72
N TYR A 293 -6.54 -8.14 14.26
CA TYR A 293 -6.87 -9.53 13.93
C TYR A 293 -7.28 -9.66 12.47
N LYS A 294 -8.20 -8.79 12.01
CA LYS A 294 -8.64 -8.83 10.63
C LYS A 294 -7.48 -8.60 9.68
N ARG A 295 -6.58 -7.68 10.00
CA ARG A 295 -5.41 -7.47 9.17
C ARG A 295 -4.49 -8.68 9.18
N LEU A 296 -4.35 -9.32 10.33
CA LEU A 296 -3.53 -10.54 10.41
C LEU A 296 -4.05 -11.59 9.45
N VAL A 297 -5.36 -11.80 9.41
CA VAL A 297 -5.90 -12.76 8.45
C VAL A 297 -5.96 -12.20 7.04
N TYR A 298 -5.81 -10.89 6.87
CA TYR A 298 -5.81 -10.24 5.57
C TYR A 298 -4.42 -10.18 4.96
N LEU A 299 -3.40 -10.72 5.62
CA LEU A 299 -2.07 -10.87 5.05
C LEU A 299 -1.95 -12.12 4.18
N ASN A 300 -3.07 -12.66 3.71
CA ASN A 300 -3.06 -13.93 3.00
C ASN A 300 -2.26 -13.83 1.71
N GLU A 301 -1.77 -14.99 1.27
CA GLU A 301 -1.20 -15.17 -0.07
C GLU A 301 -2.09 -16.18 -0.79
N ALA A 302 -2.93 -15.70 -1.70
CA ALA A 302 -3.88 -16.56 -2.39
C ALA A 302 -4.58 -15.80 -3.51
N ASN A 313 1.89 -1.35 -1.16
CA ASN A 313 3.14 -2.10 -1.27
C ASN A 313 3.40 -2.48 -2.72
N SER A 314 4.30 -3.42 -2.95
CA SER A 314 4.73 -3.82 -4.29
C SER A 314 4.09 -5.14 -4.69
N HIS A 315 3.98 -5.33 -6.01
CA HIS A 315 3.44 -6.54 -6.60
C HIS A 315 4.55 -7.30 -7.32
N ASN A 316 4.45 -8.62 -7.31
CA ASN A 316 5.42 -9.48 -7.96
C ASN A 316 4.87 -9.97 -9.29
N VAL A 317 5.66 -9.83 -10.35
CA VAL A 317 5.34 -10.40 -11.66
C VAL A 317 6.38 -11.47 -11.95
N TYR A 318 5.91 -12.71 -12.12
CA TYR A 318 6.80 -13.87 -12.23
C TYR A 318 7.11 -14.13 -13.69
N ILE A 319 8.37 -13.91 -14.07
CA ILE A 319 8.83 -14.13 -15.43
C ILE A 319 9.42 -15.52 -15.54
N THR A 320 8.99 -16.25 -16.57
CA THR A 320 9.55 -17.54 -16.93
C THR A 320 9.94 -17.51 -18.40
N ALA A 321 10.81 -18.45 -18.79
CA ALA A 321 11.31 -18.47 -20.16
C ALA A 321 10.23 -18.95 -21.11
N ASP A 322 10.43 -18.68 -22.41
CA ASP A 322 9.54 -19.17 -23.47
C ASP A 322 10.45 -19.52 -24.65
N LYS A 323 10.87 -20.79 -24.69
CA LYS A 323 11.83 -21.21 -25.71
C LYS A 323 11.17 -21.34 -27.07
N GLN A 324 9.92 -21.81 -27.10
CA GLN A 324 9.22 -21.97 -28.37
C GLN A 324 9.06 -20.63 -29.09
N LYS A 325 9.04 -19.53 -28.35
CA LYS A 325 8.85 -18.20 -28.90
C LYS A 325 10.13 -17.40 -28.97
N ASN A 326 11.24 -17.93 -28.46
CA ASN A 326 12.49 -17.19 -28.36
C ASN A 326 12.29 -15.91 -27.54
N GLY A 327 11.51 -16.02 -26.47
CA GLY A 327 11.18 -14.88 -25.64
C GLY A 327 10.87 -15.28 -24.23
N ILE A 328 9.94 -14.55 -23.61
CA ILE A 328 9.59 -14.78 -22.22
C ILE A 328 8.06 -14.76 -22.05
N LYS A 329 7.63 -15.32 -20.92
CA LYS A 329 6.24 -15.30 -20.51
C LYS A 329 6.15 -14.74 -19.09
N ALA A 330 5.00 -14.15 -18.78
CA ALA A 330 4.73 -13.72 -17.42
C ALA A 330 3.24 -13.89 -17.16
N ASN A 331 2.88 -13.96 -15.88
CA ASN A 331 1.49 -14.18 -15.49
C ASN A 331 1.35 -13.77 -14.03
N PHE A 332 0.36 -12.96 -13.73
CA PHE A 332 0.21 -12.45 -12.38
C PHE A 332 -1.19 -11.90 -12.19
N LYS A 333 -1.41 -11.24 -11.05
CA LYS A 333 -2.72 -10.70 -10.70
C LYS A 333 -2.54 -9.33 -10.07
N ILE A 334 -3.37 -8.38 -10.51
CA ILE A 334 -3.46 -7.07 -9.89
C ILE A 334 -4.81 -7.00 -9.17
N ARG A 335 -4.79 -6.47 -7.95
CA ARG A 335 -5.98 -6.41 -7.11
C ARG A 335 -6.29 -4.94 -6.86
N HIS A 336 -7.25 -4.40 -7.62
CA HIS A 336 -7.69 -3.03 -7.43
C HIS A 336 -8.76 -2.98 -6.36
N ASN A 337 -8.76 -1.91 -5.55
CA ASN A 337 -9.72 -1.76 -4.48
C ASN A 337 -10.92 -0.96 -4.98
N VAL A 338 -12.12 -1.47 -4.67
CA VAL A 338 -13.36 -0.77 -4.99
C VAL A 338 -13.77 0.05 -3.77
N GLU A 339 -14.36 1.21 -4.03
CA GLU A 339 -14.70 2.13 -2.94
C GLU A 339 -15.78 1.56 -2.04
N ASP A 340 -16.66 0.71 -2.57
CA ASP A 340 -17.73 0.13 -1.77
C ASP A 340 -17.21 -0.88 -0.75
N GLY A 341 -15.96 -1.34 -0.89
CA GLY A 341 -15.40 -2.34 -0.01
C GLY A 341 -15.02 -3.64 -0.69
N SER A 342 -15.42 -3.83 -1.95
CA SER A 342 -15.12 -5.06 -2.67
C SER A 342 -13.77 -4.94 -3.39
N VAL A 343 -13.36 -6.03 -4.03
CA VAL A 343 -12.07 -6.13 -4.70
C VAL A 343 -12.29 -6.49 -6.16
N GLN A 344 -11.54 -5.86 -7.05
CA GLN A 344 -11.58 -6.13 -8.49
C GLN A 344 -10.28 -6.82 -8.88
N LEU A 345 -10.40 -8.04 -9.40
CA LEU A 345 -9.25 -8.88 -9.72
C LEU A 345 -9.00 -8.82 -11.22
N ALA A 346 -7.79 -8.43 -11.60
CA ALA A 346 -7.37 -8.39 -13.00
C ALA A 346 -6.24 -9.40 -13.19
N ASP A 347 -6.54 -10.48 -13.92
CA ASP A 347 -5.55 -11.51 -14.22
C ASP A 347 -4.76 -11.08 -15.45
N HIS A 348 -3.44 -11.03 -15.33
CA HIS A 348 -2.55 -10.56 -16.38
C HIS A 348 -1.80 -11.74 -16.98
N TYR A 349 -1.79 -11.79 -18.31
CA TYR A 349 -1.22 -12.89 -19.10
C TYR A 349 -0.34 -12.27 -20.17
N GLN A 350 0.98 -12.35 -20.00
CA GLN A 350 1.92 -11.58 -20.80
C GLN A 350 2.87 -12.51 -21.54
N GLN A 351 3.27 -12.09 -22.74
CA GLN A 351 4.35 -12.76 -23.47
C GLN A 351 5.10 -11.73 -24.29
N ASN A 352 6.43 -11.87 -24.31
CA ASN A 352 7.30 -10.94 -25.03
C ASN A 352 8.22 -11.70 -25.97
N THR A 353 8.45 -11.11 -27.15
CA THR A 353 9.34 -11.69 -28.17
C THR A 353 10.13 -10.55 -28.81
N PRO A 354 11.41 -10.78 -29.14
CA PRO A 354 12.18 -9.73 -29.79
C PRO A 354 11.65 -9.40 -31.18
N ILE A 355 11.84 -8.14 -31.59
CA ILE A 355 11.45 -7.73 -32.94
C ILE A 355 12.47 -8.20 -33.96
N GLY A 356 13.76 -8.17 -33.61
CA GLY A 356 14.82 -8.52 -34.53
C GLY A 356 15.18 -9.99 -34.49
N ASP A 357 16.12 -10.35 -35.36
CA ASP A 357 16.69 -11.69 -35.40
C ASP A 357 18.06 -11.75 -34.74
N GLY A 358 18.28 -10.93 -33.72
CA GLY A 358 19.51 -10.95 -32.96
C GLY A 358 19.39 -11.85 -31.74
N PRO A 359 20.51 -12.05 -31.04
CA PRO A 359 20.50 -12.98 -29.91
C PRO A 359 20.00 -12.30 -28.64
N VAL A 360 19.10 -12.99 -27.93
CA VAL A 360 18.50 -12.47 -26.71
C VAL A 360 18.81 -13.42 -25.56
N LEU A 361 18.56 -12.94 -24.34
CA LEU A 361 18.80 -13.71 -23.13
C LEU A 361 17.53 -14.47 -22.75
N LEU A 362 17.61 -15.80 -22.76
CA LEU A 362 16.52 -16.62 -22.23
C LEU A 362 16.78 -16.82 -20.74
N PRO A 363 15.94 -16.31 -19.85
CA PRO A 363 16.27 -16.31 -18.43
C PRO A 363 15.74 -17.53 -17.69
N ASP A 364 16.25 -17.71 -16.48
CA ASP A 364 15.66 -18.67 -15.56
C ASP A 364 14.46 -18.04 -14.85
N ASN A 365 13.65 -18.89 -14.23
CA ASN A 365 12.50 -18.41 -13.47
C ASN A 365 12.94 -17.34 -12.47
N HIS A 366 12.26 -16.21 -12.49
CA HIS A 366 12.49 -15.18 -11.48
C HIS A 366 11.25 -14.30 -11.43
N TYR A 367 11.33 -13.17 -10.73
CA TYR A 367 10.21 -12.25 -10.70
C TYR A 367 10.73 -10.83 -10.55
N LEU A 368 9.85 -9.87 -10.81
CA LEU A 368 10.12 -8.45 -10.64
C LEU A 368 9.17 -7.90 -9.59
N SER A 369 9.74 -7.24 -8.58
CA SER A 369 8.97 -6.50 -7.58
C SER A 369 8.76 -5.08 -8.08
N THR A 370 7.51 -4.66 -8.16
CA THR A 370 7.12 -3.37 -8.72
C THR A 370 6.38 -2.57 -7.67
N GLN A 371 6.86 -1.35 -7.41
CA GLN A 371 6.28 -0.46 -6.41
C GLN A 371 5.81 0.80 -7.12
N SER A 372 4.49 1.05 -7.09
CA SER A 372 3.88 2.14 -7.85
C SER A 372 3.30 3.18 -6.90
N VAL A 373 3.39 4.44 -7.31
CA VAL A 373 2.84 5.57 -6.56
C VAL A 373 2.21 6.53 -7.56
N LEU A 374 0.90 6.73 -7.45
CA LEU A 374 0.17 7.63 -8.32
C LEU A 374 -0.05 8.97 -7.63
N SER A 375 -0.13 10.03 -8.43
CA SER A 375 -0.39 11.36 -7.90
C SER A 375 -0.96 12.24 -9.00
N LYS A 376 -1.27 13.48 -8.64
CA LYS A 376 -1.87 14.45 -9.53
C LYS A 376 -1.06 15.74 -9.52
N ASP A 377 -0.89 16.32 -10.70
CA ASP A 377 -0.33 17.67 -10.81
C ASP A 377 -1.45 18.69 -10.60
N PRO A 378 -1.39 19.53 -9.56
CA PRO A 378 -2.51 20.47 -9.34
C PRO A 378 -2.75 21.42 -10.49
N ASN A 379 -1.70 21.92 -11.13
CA ASN A 379 -1.83 22.84 -12.26
C ASN A 379 -1.95 22.06 -13.58
N GLU A 380 -2.99 21.24 -13.65
CA GLU A 380 -3.23 20.40 -14.83
C GLU A 380 -4.73 20.22 -14.96
N LYS A 381 -5.31 20.80 -16.01
CA LYS A 381 -6.75 20.71 -16.23
C LYS A 381 -7.17 19.46 -16.97
N ARG A 382 -6.32 18.95 -17.87
CA ARG A 382 -6.65 17.73 -18.59
C ARG A 382 -6.68 16.54 -17.61
N ASP A 383 -7.25 15.43 -18.07
CA ASP A 383 -7.20 14.19 -17.33
C ASP A 383 -5.80 13.60 -17.46
N HIS A 384 -5.21 13.19 -16.34
CA HIS A 384 -3.80 12.82 -16.34
C HIS A 384 -3.50 11.90 -15.16
N MET A 385 -2.26 11.44 -15.10
CA MET A 385 -1.76 10.59 -14.04
C MET A 385 -0.26 10.84 -13.89
N VAL A 386 0.19 11.08 -12.67
CA VAL A 386 1.63 11.17 -12.36
C VAL A 386 2.04 9.84 -11.76
N LEU A 387 3.09 9.23 -12.30
CA LEU A 387 3.48 7.88 -11.93
C LEU A 387 4.94 7.84 -11.51
N LEU A 388 5.19 7.38 -10.29
CA LEU A 388 6.51 7.01 -9.81
C LEU A 388 6.56 5.51 -9.63
N GLU A 389 7.62 4.87 -10.12
CA GLU A 389 7.76 3.43 -9.98
C GLU A 389 9.17 3.06 -9.57
N PHE A 390 9.27 1.97 -8.82
CA PHE A 390 10.54 1.37 -8.44
C PHE A 390 10.44 -0.13 -8.70
N VAL A 391 11.24 -0.64 -9.64
CA VAL A 391 11.19 -2.03 -10.04
C VAL A 391 12.55 -2.68 -9.78
N THR A 392 12.51 -3.87 -9.20
CA THR A 392 13.72 -4.64 -8.93
C THR A 392 13.50 -6.08 -9.38
N ALA A 393 14.60 -6.77 -9.67
CA ALA A 393 14.58 -8.19 -10.01
C ALA A 393 14.93 -9.01 -8.77
N ALA A 394 14.31 -10.16 -8.63
CA ALA A 394 14.53 -11.01 -7.46
C ALA A 394 14.06 -12.42 -7.78
N GLY A 395 14.24 -13.32 -6.81
CA GLY A 395 13.89 -14.71 -6.98
C GLY A 395 15.08 -15.62 -7.18
N ILE A 396 16.28 -15.07 -7.34
CA ILE A 396 17.50 -15.85 -7.48
C ILE A 396 18.52 -15.26 -6.52
N THR A 397 18.83 -16.01 -5.46
CA THR A 397 19.75 -15.53 -4.43
C THR A 397 21.19 -15.84 -4.80
N HIS A 398 22.08 -14.89 -4.52
CA HIS A 398 23.49 -15.10 -4.78
C HIS A 398 24.00 -16.29 -3.99
N GLY A 399 24.54 -17.27 -4.69
CA GLY A 399 24.99 -18.49 -4.05
C GLY A 399 26.27 -18.30 -3.26
N MET A 400 26.40 -19.07 -2.20
CA MET A 400 27.62 -19.16 -1.41
C MET A 400 28.85 -19.21 -2.32
N ASP A 401 29.82 -18.33 -2.03
CA ASP A 401 31.03 -18.22 -2.83
C ASP A 401 32.03 -19.27 -2.36
N GLU A 402 32.31 -20.25 -3.23
CA GLU A 402 33.09 -21.43 -2.88
C GLU A 402 34.46 -21.47 -3.53
N LEU A 403 34.60 -20.91 -4.73
CA LEU A 403 35.79 -21.14 -5.54
C LEU A 403 37.03 -20.52 -4.91
N TYR A 404 37.67 -21.29 -4.01
CA TYR A 404 38.94 -20.89 -3.40
C TYR A 404 39.78 -22.14 -3.18
N LYS A 405 41.02 -21.94 -2.75
CA LYS A 405 41.93 -23.04 -2.48
C LYS A 405 42.13 -23.89 -3.74
#